data_8A2B
#
_entry.id   8A2B
#
_cell.length_a   75.387
_cell.length_b   75.387
_cell.length_c   214.953
_cell.angle_alpha   90.000
_cell.angle_beta   90.000
_cell.angle_gamma   120.000
#
_symmetry.space_group_name_H-M   'P 61 2 2'
#
loop_
_entity.id
_entity.type
_entity.pdbx_description
1 polymer 'Epidermal growth factor receptor'
2 non-polymer (2R)-2-(6,7-dihydro-5H-pyrrolo[1,2-c]imidazol-1-yl)-2-[5-[2-[4-[[4-(hydroxymethyl)piperidin-1-yl]methyl]phenyl]ethynyl]-3-oxidanylidene-7-(trifluoromethyl)-1H-isoindol-2-yl]-N-(1,3-thiazol-2-yl)ethanamide
3 water water
#
_entity_poly.entity_id   1
_entity_poly.type   'polypeptide(L)'
_entity_poly.pdbx_seq_one_letter_code
;GSMNQALLRILKETEFKKIKVLGSGAFGTVYKGLWIPEGEKVKIPVAIKELREATSPKANKEILDEAYVMASVDNPHVCR
LLGICLTSTVQLITQLMPFGCLLDYVREHKDNIGSQYLLNWCVQIAKGMNYLEDRRLVHRDLAARNVLVKTPQHVKITDF
GRAKLLGAEEKEYHAEGGKVPIKWMALESILHRIYTHQSDVWSYGVTVWELMTFGSKPYDGIPASEISSILEKGERLPQP
PICTIDVYMIMRKCWMIDADSRPKFRELIIEFSKMARDPQRYLVIQGDERMHLPSPTDSNFYRALMDEEDMDDVVDADEY
LIPQQG
;
_entity_poly.pdbx_strand_id   A
#
loop_
_chem_comp.id
_chem_comp.type
_chem_comp.name
_chem_comp.formula
KY9 non-polymer (2R)-2-(6,7-dihydro-5H-pyrrolo[1,2-c]imidazol-1-yl)-2-[5-[2-[4-[[4-(hydroxymethyl)piperidin-1-yl]methyl]phenyl]ethynyl]-3-oxidanylidene-7-(trifluoromethyl)-1H-isoindol-2-yl]-N-(1,3-thiazol-2-yl)ethanamide 'C35 H33 F3 N6 O3 S'
#
# COMPACT_ATOMS: atom_id res chain seq x y z
N ALA A 6 5.85 -18.30 6.59
CA ALA A 6 5.78 -19.42 7.60
C ALA A 6 4.31 -19.71 7.95
N LEU A 7 4.00 -19.78 9.24
CA LEU A 7 2.66 -20.07 9.73
C LEU A 7 2.21 -18.90 10.58
N LEU A 8 0.92 -18.91 10.92
CA LEU A 8 0.34 -17.95 11.83
C LEU A 8 0.55 -18.44 13.25
N ARG A 9 1.33 -17.69 14.03
CA ARG A 9 1.44 -17.99 15.44
C ARG A 9 0.15 -17.62 16.19
N ILE A 10 -0.28 -18.54 17.07
CA ILE A 10 -1.38 -18.23 17.96
C ILE A 10 -0.79 -17.65 19.23
N LEU A 11 -0.92 -16.34 19.43
CA LEU A 11 -0.24 -15.72 20.56
C LEU A 11 -1.12 -15.73 21.78
N LYS A 12 -0.46 -15.87 22.95
CA LYS A 12 -1.09 -15.66 24.24
C LYS A 12 -0.96 -14.19 24.65
N GLU A 13 -2.01 -13.65 25.28
CA GLU A 13 -2.09 -12.26 25.66
C GLU A 13 -0.95 -11.85 26.58
N THR A 14 -0.33 -12.80 27.29
CA THR A 14 0.74 -12.47 28.22
C THR A 14 2.08 -12.32 27.51
N GLU A 15 2.10 -12.66 26.21
CA GLU A 15 3.30 -12.60 25.38
C GLU A 15 3.59 -11.17 24.86
N PHE A 16 2.69 -10.18 25.04
CA PHE A 16 2.86 -8.91 24.35
C PHE A 16 2.13 -7.82 25.12
N LYS A 17 2.58 -6.57 24.98
CA LYS A 17 1.96 -5.44 25.62
C LYS A 17 1.77 -4.34 24.58
N LYS A 18 0.62 -3.65 24.68
CA LYS A 18 0.33 -2.40 24.01
C LYS A 18 1.01 -1.22 24.74
N ILE A 19 1.56 -0.27 23.97
CA ILE A 19 2.46 0.77 24.46
C ILE A 19 1.83 2.10 24.12
N LYS A 20 1.24 2.19 22.92
CA LYS A 20 0.73 3.47 22.43
C LYS A 20 -0.29 3.16 21.35
N VAL A 21 -1.30 4.01 21.27
CA VAL A 21 -2.23 4.01 20.18
C VAL A 21 -1.64 4.74 18.97
N LEU A 22 -1.61 4.08 17.80
CA LEU A 22 -1.04 4.67 16.59
C LEU A 22 -2.14 5.28 15.75
N GLY A 23 -3.36 4.75 15.86
CA GLY A 23 -4.42 5.08 14.91
C GLY A 23 -5.65 4.19 15.14
N SER A 24 -6.71 4.49 14.38
CA SER A 24 -7.89 3.66 14.34
C SER A 24 -8.57 3.81 12.98
N GLY A 25 -9.04 2.69 12.41
CA GLY A 25 -9.64 2.70 11.09
C GLY A 25 -11.01 2.05 11.07
N ALA A 26 -11.45 1.65 9.86
CA ALA A 26 -12.69 0.92 9.71
C ALA A 26 -12.65 -0.34 10.59
N PHE A 27 -11.52 -1.07 10.56
CA PHE A 27 -11.49 -2.37 11.22
C PHE A 27 -11.33 -2.25 12.74
N GLY A 28 -10.58 -1.27 13.24
CA GLY A 28 -10.28 -1.30 14.68
C GLY A 28 -9.33 -0.20 15.17
N THR A 29 -8.48 -0.54 16.16
CA THR A 29 -7.46 0.37 16.66
C THR A 29 -6.11 -0.29 16.46
N VAL A 30 -5.12 0.48 15.97
CA VAL A 30 -3.76 -0.04 15.83
C VAL A 30 -2.88 0.52 16.96
N TYR A 31 -2.03 -0.34 17.56
CA TYR A 31 -1.18 0.08 18.65
C TYR A 31 0.24 -0.32 18.31
N LYS A 32 1.18 0.46 18.82
CA LYS A 32 2.58 0.04 18.91
C LYS A 32 2.67 -0.85 20.13
N GLY A 33 3.45 -1.93 20.02
CA GLY A 33 3.59 -2.79 21.17
C GLY A 33 4.92 -3.49 21.15
N LEU A 34 5.10 -4.40 22.10
CA LEU A 34 6.32 -5.17 22.19
C LEU A 34 5.90 -6.62 22.41
N TRP A 35 6.57 -7.52 21.74
CA TRP A 35 6.21 -8.90 21.73
C TRP A 35 7.47 -9.65 22.11
N ILE A 36 7.38 -10.40 23.21
CA ILE A 36 8.45 -11.26 23.67
C ILE A 36 7.98 -12.70 23.44
N PRO A 37 8.44 -13.37 22.37
CA PRO A 37 7.96 -14.71 22.05
C PRO A 37 8.21 -15.61 23.26
N GLU A 38 7.23 -16.49 23.59
CA GLU A 38 7.32 -17.40 24.72
C GLU A 38 8.52 -18.33 24.51
N GLY A 39 9.33 -18.48 25.57
CA GLY A 39 10.57 -19.25 25.51
C GLY A 39 11.78 -18.34 25.25
N GLU A 40 11.70 -17.57 24.15
CA GLU A 40 12.74 -16.76 23.57
C GLU A 40 13.12 -15.58 24.47
N LYS A 41 14.29 -14.99 24.20
CA LYS A 41 14.77 -13.84 24.98
C LYS A 41 14.59 -12.54 24.20
N VAL A 42 14.55 -12.63 22.86
CA VAL A 42 14.42 -11.48 21.95
C VAL A 42 13.08 -10.73 22.15
N LYS A 43 13.10 -9.39 22.07
CA LYS A 43 11.86 -8.63 22.21
C LYS A 43 11.60 -7.84 20.93
N ILE A 44 10.46 -8.13 20.26
CA ILE A 44 10.15 -7.64 18.91
C ILE A 44 9.15 -6.49 18.97
N PRO A 45 9.52 -5.27 18.50
CA PRO A 45 8.51 -4.21 18.36
C PRO A 45 7.48 -4.71 17.31
N VAL A 46 6.20 -4.49 17.64
CA VAL A 46 5.09 -4.96 16.82
C VAL A 46 4.03 -3.87 16.70
N ALA A 47 3.26 -3.97 15.61
CA ALA A 47 2.01 -3.25 15.49
C ALA A 47 0.90 -4.26 15.78
N ILE A 48 -0.13 -3.83 16.50
CA ILE A 48 -1.19 -4.73 16.89
C ILE A 48 -2.47 -4.06 16.50
N LYS A 49 -3.28 -4.79 15.70
CA LYS A 49 -4.58 -4.27 15.36
C LYS A 49 -5.64 -5.07 16.09
N GLU A 50 -6.51 -4.37 16.84
CA GLU A 50 -7.55 -5.03 17.60
C GLU A 50 -8.87 -4.68 16.91
N LEU A 51 -9.64 -5.69 16.49
CA LEU A 51 -10.79 -5.42 15.62
C LEU A 51 -11.94 -4.95 16.51
N ARG A 52 -12.84 -4.09 16.02
CA ARG A 52 -14.07 -3.80 16.76
C ARG A 52 -15.13 -4.88 16.49
N GLU A 53 -15.74 -5.39 17.58
CA GLU A 53 -16.94 -6.23 17.58
C GLU A 53 -16.77 -7.44 16.65
N ALA A 54 -15.57 -8.04 16.67
CA ALA A 54 -15.31 -9.16 15.77
C ALA A 54 -15.70 -10.48 16.43
N THR A 55 -16.86 -10.51 17.11
CA THR A 55 -17.00 -11.56 18.11
C THR A 55 -17.94 -12.68 17.67
N SER A 56 -18.66 -12.52 16.54
CA SER A 56 -19.56 -13.56 16.07
C SER A 56 -18.81 -14.84 15.66
N PRO A 57 -19.32 -16.06 15.99
CA PRO A 57 -18.77 -17.31 15.46
C PRO A 57 -18.49 -17.35 13.96
N LYS A 58 -19.44 -16.84 13.16
CA LYS A 58 -19.23 -16.91 11.72
C LYS A 58 -18.02 -16.05 11.29
N ALA A 59 -17.91 -14.84 11.83
CA ALA A 59 -16.85 -13.92 11.40
C ALA A 59 -15.53 -14.39 11.99
N ASN A 60 -15.59 -14.98 13.19
CA ASN A 60 -14.41 -15.49 13.85
C ASN A 60 -13.74 -16.54 12.97
N LYS A 61 -14.55 -17.42 12.33
CA LYS A 61 -13.94 -18.46 11.50
C LYS A 61 -13.41 -17.80 10.21
N GLU A 62 -14.19 -16.90 9.63
CA GLU A 62 -13.78 -16.20 8.41
C GLU A 62 -12.46 -15.46 8.61
N ILE A 63 -12.36 -14.76 9.75
CA ILE A 63 -11.12 -14.06 10.09
C ILE A 63 -9.96 -15.02 10.26
N LEU A 64 -10.17 -16.14 10.97
CA LEU A 64 -9.06 -17.04 11.12
C LEU A 64 -8.60 -17.59 9.77
N ASP A 65 -9.55 -17.91 8.88
CA ASP A 65 -9.18 -18.54 7.62
C ASP A 65 -8.37 -17.54 6.81
N GLU A 66 -8.84 -16.28 6.80
CA GLU A 66 -8.14 -15.23 6.09
C GLU A 66 -6.73 -15.03 6.70
N ALA A 67 -6.61 -15.07 8.03
CA ALA A 67 -5.35 -14.77 8.71
C ALA A 67 -4.28 -15.78 8.34
N TYR A 68 -4.68 -17.05 8.12
CA TYR A 68 -3.74 -18.07 7.68
C TYR A 68 -3.08 -17.67 6.37
N VAL A 69 -3.86 -17.10 5.47
CA VAL A 69 -3.34 -16.71 4.17
C VAL A 69 -2.41 -15.47 4.31
N MET A 70 -2.83 -14.48 5.10
CA MET A 70 -2.01 -13.30 5.37
C MET A 70 -0.69 -13.67 6.06
N ALA A 71 -0.63 -14.81 6.77
CA ALA A 71 0.62 -15.24 7.42
C ALA A 71 1.51 -16.01 6.45
N SER A 72 1.01 -16.33 5.24
CA SER A 72 1.71 -17.21 4.32
C SER A 72 2.53 -16.43 3.30
N VAL A 73 2.37 -15.10 3.20
CA VAL A 73 3.14 -14.34 2.24
C VAL A 73 4.61 -14.24 2.65
N ASP A 74 5.50 -14.34 1.66
CA ASP A 74 6.90 -14.32 2.01
C ASP A 74 7.64 -13.55 0.93
N ASN A 75 7.72 -12.24 1.11
CA ASN A 75 8.41 -11.44 0.11
C ASN A 75 8.97 -10.20 0.81
N PRO A 76 10.14 -9.66 0.40
CA PRO A 76 10.72 -8.48 1.05
C PRO A 76 9.87 -7.20 0.98
N HIS A 77 8.91 -7.14 0.04
CA HIS A 77 8.11 -5.94 -0.14
C HIS A 77 6.64 -6.16 0.22
N VAL A 78 6.31 -7.21 0.97
CA VAL A 78 4.96 -7.44 1.44
C VAL A 78 5.04 -7.65 2.95
N CYS A 79 4.18 -6.93 3.68
CA CYS A 79 4.06 -7.20 5.13
C CYS A 79 3.37 -8.54 5.38
N ARG A 80 3.91 -9.34 6.31
CA ARG A 80 3.36 -10.66 6.61
C ARG A 80 2.65 -10.57 7.97
N LEU A 81 1.53 -11.27 8.15
CA LEU A 81 0.95 -11.37 9.50
C LEU A 81 1.70 -12.41 10.33
N LEU A 82 2.13 -12.01 11.53
CA LEU A 82 3.09 -12.80 12.30
C LEU A 82 2.26 -13.72 13.20
N GLY A 83 1.13 -13.15 13.68
CA GLY A 83 0.31 -13.92 14.61
C GLY A 83 -1.04 -13.27 14.87
N ILE A 84 -1.83 -13.99 15.68
CA ILE A 84 -3.15 -13.57 16.10
C ILE A 84 -3.28 -13.91 17.58
N CYS A 85 -4.10 -13.11 18.26
CA CYS A 85 -4.37 -13.36 19.66
C CYS A 85 -5.88 -13.34 19.79
N LEU A 86 -6.45 -14.44 20.31
CA LEU A 86 -7.89 -14.58 20.40
C LEU A 86 -8.26 -14.65 21.87
N THR A 87 -9.06 -13.69 22.33
CA THR A 87 -9.51 -13.65 23.72
C THR A 87 -10.96 -13.22 23.66
N SER A 88 -11.32 -12.13 24.35
CA SER A 88 -12.61 -11.52 24.09
C SER A 88 -12.61 -10.83 22.73
N THR A 89 -11.40 -10.48 22.25
CA THR A 89 -11.28 -9.72 21.01
C THR A 89 -10.33 -10.45 20.05
N VAL A 90 -10.22 -9.90 18.85
CA VAL A 90 -9.25 -10.41 17.91
C VAL A 90 -8.14 -9.34 17.83
N GLN A 91 -6.89 -9.77 17.98
CA GLN A 91 -5.74 -8.89 17.79
C GLN A 91 -4.82 -9.53 16.75
N LEU A 92 -4.43 -8.73 15.75
CA LEU A 92 -3.57 -9.16 14.65
C LEU A 92 -2.20 -8.50 14.84
N ILE A 93 -1.15 -9.29 14.73
CA ILE A 93 0.18 -8.79 15.05
C ILE A 93 1.11 -8.91 13.85
N THR A 94 1.76 -7.77 13.53
CA THR A 94 2.85 -7.75 12.55
C THR A 94 4.07 -7.05 13.18
N GLN A 95 5.19 -7.18 12.47
CA GLN A 95 6.39 -6.46 12.84
C GLN A 95 6.14 -4.97 12.65
N LEU A 96 6.61 -4.14 13.60
CA LEU A 96 6.39 -2.70 13.50
C LEU A 96 7.27 -2.14 12.38
N MET A 97 6.70 -1.30 11.53
CA MET A 97 7.40 -0.60 10.44
C MET A 97 7.58 0.80 11.00
N PRO A 98 8.76 1.10 11.57
CA PRO A 98 8.83 2.21 12.52
C PRO A 98 8.74 3.59 11.90
N PHE A 99 9.00 3.68 10.60
CA PHE A 99 8.83 4.95 9.92
C PHE A 99 7.39 5.22 9.50
N GLY A 100 6.44 4.27 9.70
CA GLY A 100 5.04 4.60 9.43
C GLY A 100 4.71 4.46 7.92
N CYS A 101 3.62 5.10 7.47
CA CYS A 101 3.19 4.86 6.11
C CYS A 101 3.93 5.76 5.10
N LEU A 102 4.04 5.29 3.85
CA LEU A 102 4.81 6.02 2.88
C LEU A 102 4.14 7.36 2.51
N LEU A 103 2.82 7.46 2.56
CA LEU A 103 2.17 8.74 2.31
C LEU A 103 2.64 9.83 3.29
N ASP A 104 2.63 9.46 4.57
CA ASP A 104 3.05 10.43 5.59
C ASP A 104 4.53 10.77 5.45
N TYR A 105 5.34 9.75 5.15
CA TYR A 105 6.79 9.89 5.05
C TYR A 105 7.14 10.92 3.95
N VAL A 106 6.51 10.75 2.77
CA VAL A 106 6.75 11.65 1.65
C VAL A 106 6.29 13.05 2.00
N ARG A 107 5.12 13.19 2.65
CA ARG A 107 4.69 14.53 3.04
C ARG A 107 5.69 15.12 4.05
N GLU A 108 6.17 14.35 5.03
CA GLU A 108 7.14 14.84 6.00
C GLU A 108 8.47 15.25 5.33
N HIS A 109 8.99 14.44 4.40
CA HIS A 109 10.35 14.57 3.95
C HIS A 109 10.39 15.15 2.53
N LYS A 110 9.30 15.76 2.05
CA LYS A 110 9.30 16.08 0.64
C LYS A 110 10.40 17.11 0.30
N ASP A 111 10.87 17.88 1.29
CA ASP A 111 11.92 18.83 0.93
C ASP A 111 13.26 18.15 0.66
N ASN A 112 13.42 16.89 1.08
CA ASN A 112 14.73 16.31 0.81
C ASN A 112 14.67 15.04 -0.02
N ILE A 113 13.48 14.60 -0.45
CA ILE A 113 13.38 13.35 -1.19
C ILE A 113 13.87 13.54 -2.61
N GLY A 114 14.71 12.62 -3.06
CA GLY A 114 15.36 12.68 -4.35
C GLY A 114 14.79 11.67 -5.37
N SER A 115 15.28 11.75 -6.60
CA SER A 115 14.67 10.93 -7.64
C SER A 115 14.96 9.45 -7.47
N GLN A 116 16.15 9.15 -6.97
CA GLN A 116 16.55 7.73 -6.83
C GLN A 116 15.60 7.04 -5.82
N TYR A 117 15.20 7.73 -4.75
CA TYR A 117 14.30 7.13 -3.76
C TYR A 117 12.91 6.94 -4.40
N LEU A 118 12.37 7.98 -5.03
CA LEU A 118 11.03 7.85 -5.62
C LEU A 118 10.93 6.66 -6.57
N LEU A 119 11.94 6.49 -7.41
CA LEU A 119 11.83 5.47 -8.43
C LEU A 119 12.08 4.11 -7.80
N ASN A 120 12.96 4.04 -6.79
CA ASN A 120 13.12 2.75 -6.12
C ASN A 120 11.84 2.34 -5.38
N TRP A 121 11.13 3.29 -4.81
CA TRP A 121 9.89 2.92 -4.13
C TRP A 121 8.93 2.36 -5.17
N CYS A 122 8.93 2.92 -6.40
CA CYS A 122 8.01 2.41 -7.42
C CYS A 122 8.30 0.96 -7.80
N VAL A 123 9.62 0.64 -7.94
CA VAL A 123 10.10 -0.70 -8.20
C VAL A 123 9.62 -1.63 -7.09
N GLN A 124 9.88 -1.24 -5.82
CA GLN A 124 9.61 -2.13 -4.71
C GLN A 124 8.11 -2.41 -4.58
N ILE A 125 7.29 -1.39 -4.79
CA ILE A 125 5.86 -1.66 -4.69
C ILE A 125 5.39 -2.60 -5.81
N ALA A 126 5.95 -2.40 -7.04
CA ALA A 126 5.63 -3.29 -8.17
C ALA A 126 6.12 -4.68 -7.89
N LYS A 127 7.30 -4.79 -7.26
CA LYS A 127 7.71 -6.13 -6.88
C LYS A 127 6.77 -6.80 -5.89
N GLY A 128 6.30 -6.10 -4.83
CA GLY A 128 5.45 -6.81 -3.90
C GLY A 128 4.07 -7.14 -4.50
N MET A 129 3.54 -6.24 -5.33
CA MET A 129 2.29 -6.43 -6.05
C MET A 129 2.43 -7.62 -7.04
N ASN A 130 3.57 -7.72 -7.73
CA ASN A 130 3.86 -8.88 -8.57
C ASN A 130 3.82 -10.17 -7.77
N TYR A 131 4.40 -10.17 -6.54
CA TYR A 131 4.34 -11.33 -5.69
C TYR A 131 2.89 -11.63 -5.33
N LEU A 132 2.07 -10.63 -4.99
CA LEU A 132 0.69 -10.99 -4.60
C LEU A 132 0.00 -11.60 -5.84
N GLU A 133 0.21 -10.97 -7.00
CA GLU A 133 -0.36 -11.56 -8.22
C GLU A 133 0.02 -13.04 -8.35
N ASP A 134 1.31 -13.36 -8.19
CA ASP A 134 1.76 -14.75 -8.22
C ASP A 134 1.09 -15.61 -7.16
N ARG A 135 0.69 -15.02 -6.02
CA ARG A 135 0.02 -15.77 -4.97
C ARG A 135 -1.49 -15.78 -5.15
N ARG A 136 -1.98 -15.16 -6.24
CA ARG A 136 -3.38 -15.10 -6.59
C ARG A 136 -4.14 -14.25 -5.56
N LEU A 137 -3.51 -13.18 -5.08
CA LEU A 137 -4.09 -12.37 -4.02
C LEU A 137 -4.39 -11.01 -4.60
N VAL A 138 -5.65 -10.58 -4.63
CA VAL A 138 -5.93 -9.26 -5.16
C VAL A 138 -5.86 -8.28 -3.98
N HIS A 139 -5.33 -7.07 -4.22
CA HIS A 139 -5.13 -6.13 -3.12
C HIS A 139 -6.47 -5.51 -2.69
N ARG A 140 -7.09 -4.81 -3.64
CA ARG A 140 -8.33 -4.05 -3.61
C ARG A 140 -8.19 -2.69 -2.95
N ASP A 141 -7.04 -2.34 -2.33
CA ASP A 141 -6.99 -1.01 -1.70
C ASP A 141 -5.56 -0.48 -1.70
N LEU A 142 -4.82 -0.68 -2.80
CA LEU A 142 -3.45 -0.20 -2.88
C LEU A 142 -3.46 1.35 -2.98
N ALA A 143 -2.65 2.01 -2.12
CA ALA A 143 -2.59 3.45 -1.99
C ALA A 143 -1.34 3.73 -1.12
N ALA A 144 -0.79 4.93 -1.25
CA ALA A 144 0.46 5.20 -0.55
C ALA A 144 0.23 5.04 0.96
N ARG A 145 -1.01 5.26 1.43
CA ARG A 145 -1.30 5.06 2.85
C ARG A 145 -1.18 3.59 3.30
N ASN A 146 -1.18 2.62 2.35
CA ASN A 146 -1.11 1.17 2.58
C ASN A 146 0.28 0.69 2.14
N VAL A 147 1.25 1.59 1.96
CA VAL A 147 2.62 1.18 1.80
C VAL A 147 3.37 1.67 3.07
N LEU A 148 4.08 0.76 3.72
CA LEU A 148 4.74 1.11 4.98
C LEU A 148 6.25 1.19 4.73
N VAL A 149 6.91 1.95 5.61
CA VAL A 149 8.32 2.21 5.40
C VAL A 149 9.09 1.50 6.50
N LYS A 150 9.85 0.49 6.14
CA LYS A 150 10.70 -0.21 7.08
C LYS A 150 11.97 0.62 7.37
N THR A 151 12.66 1.05 6.31
CA THR A 151 13.66 2.11 6.31
C THR A 151 13.40 2.96 5.07
N PRO A 152 13.93 4.21 4.98
CA PRO A 152 13.75 5.03 3.76
C PRO A 152 14.06 4.27 2.47
N GLN A 153 14.93 3.26 2.53
CA GLN A 153 15.37 2.47 1.39
C GLN A 153 14.51 1.21 1.19
N HIS A 154 13.49 0.95 2.02
CA HIS A 154 12.84 -0.36 2.03
C HIS A 154 11.37 -0.24 2.45
N VAL A 155 10.44 -0.41 1.47
CA VAL A 155 9.02 -0.26 1.75
C VAL A 155 8.32 -1.60 1.53
N LYS A 156 7.11 -1.76 2.10
CA LYS A 156 6.44 -3.04 2.01
C LYS A 156 4.95 -2.71 1.94
N ILE A 157 4.21 -3.48 1.14
CA ILE A 157 2.78 -3.26 0.94
CA ILE A 157 2.79 -3.17 0.99
C ILE A 157 2.01 -3.93 2.09
N THR A 158 0.88 -3.34 2.52
CA THR A 158 0.10 -3.98 3.57
C THR A 158 -1.37 -3.79 3.30
N ASP A 159 -2.22 -4.23 4.26
CA ASP A 159 -3.69 -4.19 4.22
C ASP A 159 -4.30 -4.63 2.88
N PHE A 160 -3.73 -5.66 2.22
CA PHE A 160 -4.25 -6.29 1.00
C PHE A 160 -5.13 -7.50 1.40
N GLY A 161 -5.90 -8.03 0.42
CA GLY A 161 -6.71 -9.24 0.62
C GLY A 161 -8.21 -8.95 0.63
N ARG A 162 -8.97 -9.70 1.44
N ARG A 162 -8.98 -9.80 1.33
CA ARG A 162 -10.37 -9.36 1.66
CA ARG A 162 -10.43 -9.82 1.22
C ARG A 162 -10.57 -7.85 1.49
C ARG A 162 -11.06 -9.20 2.49
N VAL A 180 -15.03 3.44 1.04
CA VAL A 180 -14.84 3.16 -0.44
C VAL A 180 -13.84 4.16 -1.04
N PRO A 181 -12.62 3.72 -1.41
CA PRO A 181 -11.59 4.66 -1.93
C PRO A 181 -11.72 4.95 -3.42
N ILE A 182 -12.81 5.65 -3.79
CA ILE A 182 -13.22 5.83 -5.16
C ILE A 182 -12.04 6.36 -5.97
N LYS A 183 -11.26 7.29 -5.39
CA LYS A 183 -10.27 7.96 -6.21
C LYS A 183 -9.01 7.12 -6.51
N TRP A 184 -8.92 5.91 -5.96
CA TRP A 184 -7.85 4.96 -6.26
C TRP A 184 -8.35 3.83 -7.14
N MET A 185 -9.68 3.77 -7.36
CA MET A 185 -10.32 2.57 -7.90
C MET A 185 -10.40 2.59 -9.42
N ALA A 186 -10.20 1.43 -10.02
CA ALA A 186 -10.34 1.31 -11.47
C ALA A 186 -11.81 1.58 -11.82
N LEU A 187 -12.05 2.06 -13.06
CA LEU A 187 -13.41 2.43 -13.48
C LEU A 187 -14.35 1.23 -13.35
N GLU A 188 -13.90 0.05 -13.82
CA GLU A 188 -14.66 -1.19 -13.68
C GLU A 188 -15.00 -1.49 -12.22
N SER A 189 -14.09 -1.12 -11.29
CA SER A 189 -14.37 -1.45 -9.89
C SER A 189 -15.47 -0.54 -9.39
N ILE A 190 -15.41 0.74 -9.78
CA ILE A 190 -16.42 1.71 -9.42
C ILE A 190 -17.78 1.31 -10.03
N LEU A 191 -17.85 1.15 -11.35
CA LEU A 191 -19.13 0.86 -12.03
C LEU A 191 -19.62 -0.57 -11.80
N HIS A 192 -18.73 -1.56 -11.62
CA HIS A 192 -19.22 -2.94 -11.71
C HIS A 192 -18.79 -3.77 -10.51
N ARG A 193 -18.04 -3.18 -9.55
CA ARG A 193 -17.44 -3.94 -8.46
C ARG A 193 -16.61 -5.13 -8.96
N ILE A 194 -15.91 -4.98 -10.06
CA ILE A 194 -14.97 -6.01 -10.46
C ILE A 194 -13.61 -5.64 -9.87
N TYR A 195 -12.92 -6.59 -9.25
CA TYR A 195 -11.56 -6.38 -8.77
C TYR A 195 -10.68 -7.50 -9.28
N THR A 196 -9.58 -7.17 -9.92
CA THR A 196 -8.63 -8.18 -10.34
C THR A 196 -7.23 -7.59 -10.16
N HIS A 197 -6.20 -8.34 -10.55
CA HIS A 197 -4.84 -7.85 -10.58
C HIS A 197 -4.74 -6.61 -11.45
N GLN A 198 -5.53 -6.55 -12.52
CA GLN A 198 -5.52 -5.39 -13.40
C GLN A 198 -6.20 -4.20 -12.73
N SER A 199 -7.22 -4.39 -11.88
CA SER A 199 -7.71 -3.16 -11.25
C SER A 199 -6.65 -2.71 -10.20
N ASP A 200 -5.92 -3.65 -9.61
CA ASP A 200 -4.81 -3.30 -8.73
C ASP A 200 -3.80 -2.45 -9.47
N VAL A 201 -3.60 -2.75 -10.81
CA VAL A 201 -2.61 -1.97 -11.56
C VAL A 201 -3.02 -0.52 -11.66
N TRP A 202 -4.33 -0.23 -11.76
CA TRP A 202 -4.80 1.13 -11.80
C TRP A 202 -4.41 1.81 -10.47
N SER A 203 -4.83 1.21 -9.35
CA SER A 203 -4.49 1.85 -8.07
C SER A 203 -2.97 2.09 -7.92
N TYR A 204 -2.16 1.17 -8.43
CA TYR A 204 -0.70 1.34 -8.51
C TYR A 204 -0.34 2.67 -9.17
N GLY A 205 -0.98 2.94 -10.32
CA GLY A 205 -0.74 4.18 -11.03
C GLY A 205 -1.06 5.37 -10.16
N VAL A 206 -2.16 5.31 -9.42
CA VAL A 206 -2.53 6.43 -8.58
C VAL A 206 -1.51 6.55 -7.41
N THR A 207 -1.07 5.41 -6.90
CA THR A 207 -0.08 5.38 -5.82
C THR A 207 1.19 6.09 -6.28
N VAL A 208 1.67 5.78 -7.51
CA VAL A 208 2.87 6.40 -8.05
C VAL A 208 2.66 7.90 -8.17
N TRP A 209 1.48 8.31 -8.66
CA TRP A 209 1.18 9.73 -8.75
C TRP A 209 1.28 10.41 -7.36
N GLU A 210 0.78 9.72 -6.30
CA GLU A 210 0.89 10.29 -4.97
C GLU A 210 2.36 10.52 -4.62
N LEU A 211 3.25 9.59 -4.97
CA LEU A 211 4.66 9.73 -4.62
C LEU A 211 5.29 10.93 -5.35
N MET A 212 5.00 11.00 -6.66
CA MET A 212 5.64 11.96 -7.56
C MET A 212 5.16 13.39 -7.29
N THR A 213 4.00 13.49 -6.67
CA THR A 213 3.44 14.76 -6.26
C THR A 213 3.78 14.99 -4.80
N PHE A 214 4.64 14.17 -4.20
CA PHE A 214 5.06 14.40 -2.80
C PHE A 214 3.82 14.35 -1.90
N GLY A 215 2.87 13.45 -2.18
CA GLY A 215 1.72 13.20 -1.32
C GLY A 215 0.51 14.15 -1.52
N SER A 216 0.31 14.67 -2.74
CA SER A 216 -0.92 15.37 -3.07
C SER A 216 -2.11 14.42 -3.01
N LYS A 217 -3.33 14.98 -2.87
CA LYS A 217 -4.57 14.20 -2.84
C LYS A 217 -5.10 14.08 -4.27
N PRO A 218 -5.43 12.88 -4.79
CA PRO A 218 -5.86 12.79 -6.18
C PRO A 218 -7.23 13.46 -6.33
N TYR A 219 -7.39 14.23 -7.42
CA TYR A 219 -8.67 14.78 -7.85
C TYR A 219 -9.20 15.65 -6.74
N ASP A 220 -8.33 16.49 -6.21
CA ASP A 220 -8.61 17.20 -4.99
C ASP A 220 -9.76 18.17 -5.23
N GLY A 221 -10.76 18.15 -4.33
CA GLY A 221 -11.88 19.06 -4.46
C GLY A 221 -13.01 18.54 -5.35
N ILE A 222 -12.71 17.60 -6.26
CA ILE A 222 -13.75 16.94 -7.05
C ILE A 222 -14.43 15.88 -6.17
N PRO A 223 -15.77 15.93 -5.95
CA PRO A 223 -16.44 14.95 -5.07
C PRO A 223 -16.42 13.53 -5.63
N ALA A 224 -16.43 12.53 -4.72
CA ALA A 224 -16.26 11.14 -5.11
C ALA A 224 -17.33 10.79 -6.14
N SER A 225 -18.52 11.36 -5.92
CA SER A 225 -19.74 11.06 -6.66
C SER A 225 -19.55 11.33 -8.15
N GLU A 226 -18.53 12.15 -8.52
CA GLU A 226 -18.36 12.58 -9.89
C GLU A 226 -17.27 11.80 -10.61
N ILE A 227 -16.52 10.95 -9.89
CA ILE A 227 -15.29 10.47 -10.47
C ILE A 227 -15.55 9.59 -11.70
N SER A 228 -16.53 8.68 -11.65
CA SER A 228 -16.78 7.80 -12.79
C SER A 228 -17.08 8.59 -14.07
N SER A 229 -17.80 9.72 -13.92
CA SER A 229 -18.11 10.58 -15.05
C SER A 229 -16.85 11.17 -15.63
N ILE A 230 -16.05 11.85 -14.80
CA ILE A 230 -14.78 12.41 -15.26
C ILE A 230 -13.99 11.33 -15.99
N LEU A 231 -13.90 10.14 -15.38
CA LEU A 231 -13.11 9.09 -15.99
C LEU A 231 -13.74 8.65 -17.30
N GLU A 232 -15.08 8.53 -17.32
CA GLU A 232 -15.78 8.16 -18.56
C GLU A 232 -15.57 9.17 -19.67
N LYS A 233 -15.57 10.47 -19.33
CA LYS A 233 -15.23 11.51 -20.27
C LYS A 233 -13.76 11.42 -20.69
N GLY A 234 -12.96 10.58 -20.00
CA GLY A 234 -11.58 10.38 -20.43
C GLY A 234 -10.58 11.28 -19.71
N GLU A 235 -11.01 12.00 -18.68
CA GLU A 235 -10.07 12.80 -17.91
C GLU A 235 -9.31 11.87 -16.93
N ARG A 236 -8.11 12.34 -16.51
CA ARG A 236 -7.15 11.58 -15.70
C ARG A 236 -6.32 12.55 -14.83
N LEU A 237 -5.60 12.01 -13.83
CA LEU A 237 -4.75 12.84 -12.99
C LEU A 237 -3.68 13.49 -13.85
N PRO A 238 -3.35 14.77 -13.62
CA PRO A 238 -2.36 15.49 -14.41
C PRO A 238 -0.92 15.00 -14.26
N GLN A 239 -0.04 15.56 -15.10
CA GLN A 239 1.35 15.18 -15.12
C GLN A 239 1.99 15.82 -13.90
N PRO A 240 2.58 15.04 -12.96
CA PRO A 240 3.33 15.66 -11.85
C PRO A 240 4.51 16.43 -12.44
N PRO A 241 4.72 17.70 -12.02
CA PRO A 241 5.82 18.52 -12.52
C PRO A 241 7.22 17.92 -12.59
N ILE A 242 7.61 17.01 -11.67
CA ILE A 242 8.96 16.50 -11.73
C ILE A 242 8.98 15.35 -12.70
N CYS A 243 7.81 14.94 -13.19
CA CYS A 243 7.85 13.77 -14.03
C CYS A 243 8.16 14.13 -15.48
N THR A 244 9.17 13.45 -16.00
CA THR A 244 9.48 13.34 -17.41
C THR A 244 8.33 12.63 -18.11
N ILE A 245 8.21 12.82 -19.44
CA ILE A 245 7.06 12.27 -20.16
C ILE A 245 7.03 10.75 -20.09
N ASP A 246 8.19 10.09 -20.09
CA ASP A 246 8.16 8.64 -20.10
C ASP A 246 7.58 8.07 -18.81
N VAL A 247 7.75 8.77 -17.68
CA VAL A 247 7.21 8.27 -16.41
C VAL A 247 5.68 8.45 -16.44
N TYR A 248 5.24 9.65 -16.84
CA TYR A 248 3.81 9.95 -16.93
C TYR A 248 3.10 8.96 -17.86
N MET A 249 3.75 8.56 -18.95
CA MET A 249 3.18 7.54 -19.83
C MET A 249 2.89 6.23 -19.07
N ILE A 250 3.79 5.81 -18.18
CA ILE A 250 3.57 4.54 -17.47
C ILE A 250 2.27 4.66 -16.67
N MET A 251 2.13 5.79 -16.00
CA MET A 251 0.98 6.11 -15.16
C MET A 251 -0.29 6.14 -16.00
N ARG A 252 -0.25 6.89 -17.12
CA ARG A 252 -1.39 6.94 -18.03
C ARG A 252 -1.81 5.55 -18.47
N LYS A 253 -0.84 4.73 -18.73
CA LYS A 253 -1.12 3.38 -19.16
C LYS A 253 -1.86 2.57 -18.10
N CYS A 254 -1.61 2.85 -16.80
CA CYS A 254 -2.28 2.09 -15.72
C CYS A 254 -3.77 2.42 -15.64
N TRP A 255 -4.17 3.56 -16.24
CA TRP A 255 -5.54 4.06 -16.16
C TRP A 255 -6.28 4.00 -17.50
N MET A 256 -5.94 3.03 -18.32
CA MET A 256 -6.79 2.75 -19.49
C MET A 256 -8.08 2.04 -19.13
N ILE A 257 -9.16 2.28 -19.93
CA ILE A 257 -10.47 1.69 -19.63
C ILE A 257 -10.37 0.18 -19.72
N ASP A 258 -9.64 -0.29 -20.72
CA ASP A 258 -9.55 -1.71 -20.98
C ASP A 258 -8.45 -2.29 -20.10
N ALA A 259 -8.90 -3.07 -19.12
CA ALA A 259 -8.08 -3.58 -18.04
C ALA A 259 -6.92 -4.39 -18.62
N ASP A 260 -7.12 -5.07 -19.76
CA ASP A 260 -6.08 -5.88 -20.37
C ASP A 260 -5.12 -5.04 -21.20
N SER A 261 -5.39 -3.74 -21.39
CA SER A 261 -4.40 -2.88 -22.05
C SER A 261 -3.39 -2.30 -21.04
N ARG A 262 -3.74 -2.30 -19.74
CA ARG A 262 -2.87 -1.75 -18.70
C ARG A 262 -1.59 -2.60 -18.58
N PRO A 263 -0.43 -2.05 -18.11
CA PRO A 263 0.76 -2.87 -17.87
C PRO A 263 0.49 -4.02 -16.88
N LYS A 264 1.35 -5.02 -16.90
CA LYS A 264 1.38 -6.03 -15.85
C LYS A 264 2.45 -5.66 -14.82
N PHE A 265 2.24 -6.09 -13.57
CA PHE A 265 3.24 -5.80 -12.53
C PHE A 265 4.66 -6.20 -12.95
N ARG A 266 4.81 -7.39 -13.56
CA ARG A 266 6.13 -7.81 -14.07
C ARG A 266 6.74 -6.76 -15.01
N GLU A 267 5.92 -6.11 -15.82
CA GLU A 267 6.37 -5.12 -16.78
C GLU A 267 6.76 -3.85 -16.04
N LEU A 268 5.95 -3.53 -15.02
CA LEU A 268 6.24 -2.32 -14.27
C LEU A 268 7.58 -2.48 -13.53
N ILE A 269 7.92 -3.68 -13.07
CA ILE A 269 9.21 -3.90 -12.40
C ILE A 269 10.37 -3.52 -13.35
N ILE A 270 10.33 -4.11 -14.57
CA ILE A 270 11.34 -3.88 -15.61
C ILE A 270 11.45 -2.40 -15.95
N GLU A 271 10.34 -1.74 -16.25
CA GLU A 271 10.38 -0.38 -16.71
C GLU A 271 10.89 0.58 -15.64
N PHE A 272 10.37 0.44 -14.38
CA PHE A 272 10.87 1.31 -13.34
C PHE A 272 12.31 0.95 -12.94
N SER A 273 12.67 -0.34 -13.00
CA SER A 273 14.05 -0.70 -12.74
C SER A 273 15.00 -0.02 -13.73
N LYS A 274 14.58 0.08 -14.98
CA LYS A 274 15.39 0.72 -15.98
C LYS A 274 15.52 2.19 -15.60
N MET A 275 14.43 2.82 -15.19
CA MET A 275 14.57 4.23 -14.88
C MET A 275 15.44 4.45 -13.65
N ALA A 276 15.37 3.53 -12.66
CA ALA A 276 16.11 3.68 -11.40
C ALA A 276 17.63 3.63 -11.64
N ARG A 277 18.04 3.03 -12.75
CA ARG A 277 19.43 3.02 -13.17
C ARG A 277 19.84 4.44 -13.57
N ASP A 278 18.90 5.28 -14.02
CA ASP A 278 19.30 6.62 -14.40
C ASP A 278 18.28 7.65 -13.94
N PRO A 279 18.20 7.94 -12.61
CA PRO A 279 17.06 8.66 -12.02
C PRO A 279 16.85 10.09 -12.52
N GLN A 280 17.96 10.77 -12.72
CA GLN A 280 17.99 12.19 -13.02
C GLN A 280 17.52 12.44 -14.45
N ARG A 281 17.61 11.40 -15.28
CA ARG A 281 17.06 11.44 -16.62
C ARG A 281 15.53 11.45 -16.60
N TYR A 282 14.91 10.80 -15.59
CA TYR A 282 13.48 10.52 -15.67
C TYR A 282 12.64 11.36 -14.71
N LEU A 283 13.26 11.82 -13.62
CA LEU A 283 12.55 12.76 -12.78
C LEU A 283 13.47 13.93 -12.65
N VAL A 284 12.86 15.13 -12.64
CA VAL A 284 13.67 16.32 -12.59
C VAL A 284 13.22 17.08 -11.38
N ILE A 285 14.06 17.12 -10.34
CA ILE A 285 13.67 17.76 -9.10
C ILE A 285 14.62 18.94 -8.87
N GLN A 286 14.26 20.12 -9.38
CA GLN A 286 15.30 21.13 -9.32
C GLN A 286 14.69 22.49 -9.08
N GLY A 287 15.47 23.34 -8.38
CA GLY A 287 15.13 24.73 -8.12
C GLY A 287 13.92 24.83 -7.21
N ASP A 288 12.94 25.68 -7.61
CA ASP A 288 11.85 26.12 -6.75
C ASP A 288 10.83 24.99 -6.48
N GLU A 289 10.85 24.45 -5.27
CA GLU A 289 10.05 23.26 -4.94
C GLU A 289 8.57 23.61 -4.79
N ARG A 290 8.24 24.90 -4.65
CA ARG A 290 6.85 25.33 -4.73
C ARG A 290 6.27 25.01 -6.11
N MET A 291 7.14 24.81 -7.13
CA MET A 291 6.72 24.49 -8.49
C MET A 291 6.62 22.97 -8.73
N HIS A 292 6.86 22.14 -7.70
CA HIS A 292 6.85 20.68 -7.88
C HIS A 292 5.46 20.08 -7.65
N LEU A 293 4.48 20.96 -7.31
CA LEU A 293 3.10 20.60 -6.97
C LEU A 293 2.19 20.68 -8.21
N PRO A 294 1.21 19.75 -8.39
CA PRO A 294 0.31 19.77 -9.55
C PRO A 294 -0.84 20.77 -9.35
C2 KY9 B . -17.92 -8.22 11.65
C3 KY9 B . -16.46 -8.29 11.18
C4 KY9 B . -15.54 -7.45 11.80
C5 KY9 B . -14.21 -7.48 11.41
C6 KY9 B . -13.76 -8.38 10.38
C7 KY9 B . -12.37 -8.41 10.00
C8 KY9 B . -11.23 -8.47 9.67
C10 KY9 B . -9.21 -9.73 9.08
C11 KY9 B . -7.89 -9.76 8.73
C12 KY9 B . -7.21 -11.07 8.47
C16 KY9 B . -7.19 -8.58 8.51
N1 KY9 B . -18.88 -7.68 10.64
C9 KY9 B . -9.85 -8.50 9.29
F13 KY9 B . -6.08 -11.23 9.16
F14 KY9 B . -7.94 -12.16 8.81
F15 KY9 B . -6.85 -11.23 7.13
C17 KY9 B . -7.79 -7.38 8.73
C18 KY9 B . -6.79 -6.32 8.47
N19 KY9 B . -5.63 -6.88 8.13
C20 KY9 B . -4.42 -6.15 7.87
C21 KY9 B . -3.48 -6.83 6.94
C22 KY9 B . -2.21 -7.26 7.06
C23 KY9 B . -1.03 -7.29 8.01
C24 KY9 B . 0.13 -7.97 7.25
C25 KY9 B . -0.48 -8.31 5.87
N26 KY9 B . -1.84 -7.83 5.85
C27 KY9 B . -2.88 -7.73 5.05
N28 KY9 B . -3.89 -7.13 5.63
C29 KY9 B . -3.76 -5.96 9.22
N30 KY9 B . -3.12 -4.80 9.43
C31 KY9 B . -2.41 -4.67 10.64
S32 KY9 B . -2.13 -5.86 11.89
C33 KY9 B . -1.17 -4.68 12.82
C34 KY9 B . -1.06 -3.56 12.08
N35 KY9 B . -1.79 -3.55 10.90
O36 KY9 B . -3.78 -6.84 10.07
C37 KY9 B . -5.77 -8.32 8.13
O38 KY9 B . -7.05 -5.12 8.64
C39 KY9 B . -9.14 -7.27 9.08
C40 KY9 B . -14.69 -9.26 9.76
C41 KY9 B . -16.04 -9.17 10.15
C42 KY9 B . -19.01 -6.19 10.62
C43 KY9 B . -20.22 -5.74 9.76
C44 KY9 B . -20.16 -6.47 8.40
C45 KY9 B . -20.24 -7.99 8.56
C46 KY9 B . -18.96 -8.40 9.33
C47 KY9 B . -21.22 -5.96 7.42
O48 KY9 B . -20.55 -5.09 6.53
#